data_6USU
#
_entry.id   6USU
#
_cell.length_a   54.040
_cell.length_b   87.341
_cell.length_c   136.987
_cell.angle_alpha   90.000
_cell.angle_beta   90.000
_cell.angle_gamma   90.000
#
_symmetry.space_group_name_H-M   'P 21 21 21'
#
loop_
_entity.id
_entity.type
_entity.pdbx_description
1 polymer 'Glutamate receptor ionotropic, NMDA 1'
2 polymer 'Glutamate receptor ionotropic, NMDA 2A'
3 non-polymer '(2R,4S)-5,7-dichloro-4-[(phenylcarbamoyl)amino]-1,2,3,4-tetrahydroquinoline-2-carboxylic acid'
4 non-polymer 'GLUTAMIC ACID'
5 water water
#
loop_
_entity_poly.entity_id
_entity_poly.type
_entity_poly.pdbx_seq_one_letter_code
_entity_poly.pdbx_strand_id
1 'polypeptide(L)'
;GMSTRLKIVTIHQEPFVYVKPTMSDGTCKEEFTVNGDPVKKVICTGPNDTSPGSPRHTVPQCCYGFCIDLLIKLARTMNF
TYEVHLVADGKFGTQERVNNSNKKEWNGMMGELLSGQADMIVAPLTINNERAQYIEFSKPFKYQGLTILVKKGTRITGIN
DPRLRNPSDKFIYATVKQSSVDIYFRRQVELSTMYRHMEKHNYESAAEAIQAVRDNKLHAFIWDSAVLEFEASQKCDLVT
TGELFFRSGFGIGMRKDSPWKQNVSLSILKSHENGFMEDLDKTWVRYQECDS
;
A
2 'polypeptide(L)'
;SDDNHLSIVTLEEAPFVIVEDIDPLTETCVRNTVPCRKFVKINNSTNEGMNVKKCCKGFCIDILKKLSRTVKFTYDLYLV
TNGKHGKKVNNVWNGMIGEVVYQRAVMAVGSLTINEERSEVVDFSVPFVETGISVMVSRGTQVTGLSDKKFQRPHDYSPP
FRFGTVPNGSTERNIRNNYPYMHQYMTRFNQRGVEDALVSLKTGKLDAFIYDAAVLNYKAGRDEGCKLVTIGSGYIFATT
GYGIALQKGSPWKRQIDLALLQFVGDGEMEELETLWLTGICHN
;
B
#
loop_
_chem_comp.id
_chem_comp.type
_chem_comp.name
_chem_comp.formula
QGM non-polymer '(2R,4S)-5,7-dichloro-4-[(phenylcarbamoyl)amino]-1,2,3,4-tetrahydroquinoline-2-carboxylic acid' 'C17 H15 Cl2 N3 O3'
#
# COMPACT_ATOMS: atom_id res chain seq x y z
N ARG A 5 -26.92 2.01 -15.68
CA ARG A 5 -26.48 1.16 -14.57
C ARG A 5 -25.18 0.45 -14.91
N LEU A 6 -24.14 0.72 -14.12
CA LEU A 6 -22.89 0.00 -14.28
C LEU A 6 -23.07 -1.46 -13.85
N LYS A 7 -22.55 -2.37 -14.67
CA LYS A 7 -22.53 -3.79 -14.32
C LYS A 7 -21.27 -4.07 -13.51
N ILE A 8 -21.45 -4.44 -12.25
CA ILE A 8 -20.37 -4.76 -11.33
C ILE A 8 -20.22 -6.26 -11.30
N VAL A 9 -19.02 -6.78 -11.56
CA VAL A 9 -18.74 -8.19 -11.30
C VAL A 9 -17.96 -8.31 -9.99
N THR A 10 -18.34 -9.30 -9.18
CA THR A 10 -17.57 -9.60 -7.98
C THR A 10 -17.43 -11.11 -7.87
N ILE A 11 -16.86 -11.55 -6.76
CA ILE A 11 -16.51 -12.95 -6.54
C ILE A 11 -16.63 -13.21 -5.06
N HIS A 12 -16.93 -14.45 -4.69
CA HIS A 12 -17.01 -14.82 -3.29
C HIS A 12 -15.59 -14.88 -2.72
N GLN A 13 -15.26 -14.00 -1.79
CA GLN A 13 -13.93 -13.99 -1.18
C GLN A 13 -14.05 -13.26 0.16
N GLU A 14 -14.24 -14.05 1.23
CA GLU A 14 -14.35 -13.48 2.56
C GLU A 14 -12.99 -13.02 3.06
N PRO A 15 -12.91 -11.90 3.80
CA PRO A 15 -14.07 -11.12 4.28
C PRO A 15 -14.48 -9.96 3.37
N PHE A 16 -14.00 -9.97 2.12
CA PHE A 16 -14.30 -8.85 1.23
C PHE A 16 -15.67 -8.97 0.61
N VAL A 17 -16.05 -10.19 0.20
CA VAL A 17 -17.38 -10.44 -0.33
C VAL A 17 -17.89 -11.74 0.26
N TYR A 18 -18.91 -11.66 1.10
CA TYR A 18 -19.68 -12.81 1.52
C TYR A 18 -20.82 -13.02 0.53
N VAL A 19 -21.16 -14.29 0.30
CA VAL A 19 -22.27 -14.65 -0.58
C VAL A 19 -23.13 -15.65 0.18
N LYS A 20 -24.40 -15.32 0.36
CA LYS A 20 -25.35 -16.13 1.11
C LYS A 20 -26.65 -16.20 0.33
N PRO A 21 -27.43 -17.25 0.53
CA PRO A 21 -28.74 -17.31 -0.13
C PRO A 21 -29.69 -16.27 0.44
N THR A 22 -30.66 -15.86 -0.37
CA THR A 22 -31.74 -15.02 0.15
C THR A 22 -32.63 -15.84 1.08
N MET A 23 -33.38 -15.12 1.92
CA MET A 23 -34.43 -15.72 2.74
C MET A 23 -35.59 -16.21 1.86
N SER A 24 -36.57 -16.84 2.50
CA SER A 24 -37.63 -17.47 1.72
C SER A 24 -38.51 -16.47 0.99
N ASP A 25 -38.54 -15.21 1.40
CA ASP A 25 -39.28 -14.20 0.64
C ASP A 25 -38.40 -13.49 -0.38
N GLY A 26 -37.18 -13.96 -0.61
CA GLY A 26 -36.28 -13.35 -1.57
C GLY A 26 -35.52 -12.15 -1.07
N THR A 27 -35.65 -11.78 0.21
CA THR A 27 -34.89 -10.68 0.77
C THR A 27 -33.63 -11.18 1.44
N CYS A 28 -32.81 -10.24 1.91
CA CYS A 28 -31.57 -10.52 2.62
C CYS A 28 -31.82 -10.37 4.11
N LYS A 29 -31.38 -11.35 4.89
CA LYS A 29 -31.55 -11.36 6.33
C LYS A 29 -30.89 -10.13 6.96
N GLU A 30 -31.64 -9.45 7.83
CA GLU A 30 -31.12 -8.28 8.52
C GLU A 30 -30.10 -8.70 9.57
N GLU A 31 -28.91 -8.12 9.49
CA GLU A 31 -27.80 -8.49 10.37
C GLU A 31 -27.00 -7.25 10.74
N PHE A 32 -26.10 -7.41 11.72
CA PHE A 32 -25.37 -6.28 12.30
C PHE A 32 -23.89 -6.60 12.46
N THR A 33 -23.06 -5.54 12.40
CA THR A 33 -21.61 -5.70 12.52
C THR A 33 -21.18 -5.74 13.99
N VAL A 34 -19.88 -5.97 14.21
CA VAL A 34 -19.36 -5.99 15.58
C VAL A 34 -19.51 -4.63 16.22
N ASN A 35 -19.32 -3.57 15.43
CA ASN A 35 -19.50 -2.21 15.95
C ASN A 35 -20.96 -1.86 16.20
N GLY A 36 -21.89 -2.75 15.86
CA GLY A 36 -23.30 -2.48 16.07
C GLY A 36 -24.01 -1.77 14.93
N ASP A 37 -23.44 -1.74 13.71
CA ASP A 37 -24.16 -1.13 12.60
C ASP A 37 -24.89 -2.19 11.79
N PRO A 38 -25.96 -1.83 11.08
CA PRO A 38 -26.59 -2.81 10.20
C PRO A 38 -25.67 -3.14 9.03
N VAL A 39 -25.60 -4.42 8.68
CA VAL A 39 -24.86 -4.85 7.50
C VAL A 39 -25.63 -4.43 6.26
N LYS A 40 -24.99 -3.65 5.40
CA LYS A 40 -25.59 -3.34 4.11
C LYS A 40 -25.36 -4.50 3.16
N LYS A 41 -26.45 -4.96 2.54
CA LYS A 41 -26.46 -6.10 1.64
C LYS A 41 -27.04 -5.67 0.31
N VAL A 42 -26.50 -6.26 -0.75
CA VAL A 42 -27.05 -6.04 -2.09
C VAL A 42 -27.39 -7.41 -2.66
N ILE A 43 -28.41 -7.46 -3.50
CA ILE A 43 -28.67 -8.69 -4.24
C ILE A 43 -27.63 -8.78 -5.34
N CYS A 44 -26.95 -9.92 -5.42
CA CYS A 44 -25.99 -10.21 -6.48
C CYS A 44 -26.42 -11.51 -7.15
N THR A 45 -26.65 -11.47 -8.45
CA THR A 45 -27.01 -12.69 -9.16
C THR A 45 -25.77 -13.51 -9.47
N GLY A 46 -25.90 -14.84 -9.42
CA GLY A 46 -24.81 -15.70 -9.80
C GLY A 46 -25.09 -17.17 -9.72
N PRO A 47 -24.13 -17.98 -10.18
CA PRO A 47 -24.30 -19.44 -10.15
C PRO A 47 -24.41 -19.97 -8.72
N ASN A 48 -25.09 -21.11 -8.59
CA ASN A 48 -25.28 -21.83 -7.33
C ASN A 48 -24.21 -22.88 -7.05
N ASP A 49 -23.59 -23.46 -8.07
CA ASP A 49 -22.54 -24.47 -7.86
C ASP A 49 -21.68 -24.61 -9.11
N GLY A 53 -19.08 -30.04 -14.46
CA GLY A 53 -19.90 -30.48 -15.58
C GLY A 53 -21.39 -30.46 -15.26
N SER A 54 -21.76 -29.57 -14.34
CA SER A 54 -23.17 -29.43 -13.96
C SER A 54 -23.72 -28.11 -14.47
N PRO A 55 -25.04 -28.04 -14.73
CA PRO A 55 -25.65 -26.76 -15.11
C PRO A 55 -25.46 -25.72 -14.03
N ARG A 56 -25.16 -24.49 -14.44
CA ARG A 56 -24.97 -23.36 -13.51
C ARG A 56 -26.22 -22.50 -13.58
N HIS A 57 -27.16 -22.78 -12.67
CA HIS A 57 -28.37 -21.99 -12.56
C HIS A 57 -28.06 -20.70 -11.82
N THR A 58 -28.27 -19.57 -12.49
CA THR A 58 -27.96 -18.26 -11.92
C THR A 58 -29.17 -17.73 -11.15
N VAL A 59 -28.98 -17.42 -9.87
CA VAL A 59 -30.10 -17.05 -8.99
C VAL A 59 -29.68 -15.83 -8.17
N PRO A 60 -30.65 -15.08 -7.62
CA PRO A 60 -30.30 -13.95 -6.74
C PRO A 60 -29.72 -14.45 -5.43
N GLN A 61 -28.61 -13.85 -5.02
CA GLN A 61 -27.98 -14.14 -3.75
C GLN A 61 -27.70 -12.82 -3.03
N CYS A 62 -27.29 -12.94 -1.77
CA CYS A 62 -27.03 -11.78 -0.91
C CYS A 62 -25.54 -11.60 -0.79
N CYS A 63 -25.07 -10.41 -1.15
CA CYS A 63 -23.65 -10.08 -1.12
C CYS A 63 -23.41 -8.94 -0.14
N TYR A 64 -22.33 -9.04 0.63
CA TYR A 64 -21.97 -7.99 1.57
C TYR A 64 -20.50 -8.20 1.93
N GLY A 65 -19.93 -7.18 2.59
CA GLY A 65 -18.58 -7.21 3.09
C GLY A 65 -17.84 -5.94 2.75
N PHE A 66 -16.53 -5.95 3.03
CA PHE A 66 -15.65 -4.82 2.73
C PHE A 66 -15.90 -4.24 1.34
N CYS A 67 -15.81 -5.08 0.32
CA CYS A 67 -15.93 -4.60 -1.05
C CYS A 67 -17.32 -4.11 -1.38
N ILE A 68 -18.35 -4.68 -0.77
CA ILE A 68 -19.70 -4.18 -1.02
C ILE A 68 -19.91 -2.83 -0.34
N ASP A 69 -19.39 -2.68 0.88
CA ASP A 69 -19.42 -1.38 1.55
C ASP A 69 -18.74 -0.32 0.68
N LEU A 70 -17.60 -0.68 0.10
CA LEU A 70 -16.86 0.24 -0.76
C LEU A 70 -17.68 0.61 -1.99
N LEU A 71 -18.30 -0.37 -2.62
CA LEU A 71 -19.14 -0.10 -3.80
C LEU A 71 -20.26 0.88 -3.46
N ILE A 72 -20.92 0.69 -2.32
CA ILE A 72 -22.05 1.53 -1.98
C ILE A 72 -21.58 2.97 -1.77
N LYS A 73 -20.44 3.13 -1.10
CA LYS A 73 -19.79 4.44 -0.98
C LYS A 73 -19.49 5.04 -2.35
N LEU A 74 -18.80 4.30 -3.21
CA LEU A 74 -18.45 4.84 -4.53
C LEU A 74 -19.69 5.22 -5.32
N ALA A 75 -20.68 4.34 -5.34
CA ALA A 75 -21.90 4.62 -6.07
C ALA A 75 -22.57 5.91 -5.58
N ARG A 76 -22.66 6.09 -4.27
CA ARG A 76 -23.23 7.32 -3.74
C ARG A 76 -22.36 8.52 -4.08
N THR A 77 -21.05 8.38 -3.88
CA THR A 77 -20.11 9.49 -4.03
C THR A 77 -19.99 9.94 -5.48
N MET A 78 -20.04 9.00 -6.42
CA MET A 78 -19.86 9.31 -7.82
C MET A 78 -21.17 9.35 -8.57
N ASN A 79 -22.28 9.13 -7.88
CA ASN A 79 -23.61 9.24 -8.44
C ASN A 79 -23.77 8.32 -9.65
N PHE A 80 -23.55 7.03 -9.42
CA PHE A 80 -23.89 6.05 -10.42
C PHE A 80 -24.77 4.98 -9.81
N THR A 81 -25.56 4.35 -10.67
CA THR A 81 -26.35 3.18 -10.33
C THR A 81 -25.64 1.91 -10.82
N TYR A 82 -26.03 0.76 -10.26
CA TYR A 82 -25.26 -0.47 -10.50
C TYR A 82 -26.16 -1.69 -10.31
N GLU A 83 -25.72 -2.80 -10.89
CA GLU A 83 -26.25 -4.12 -10.56
C GLU A 83 -25.06 -5.04 -10.41
N VAL A 84 -25.09 -5.90 -9.39
CA VAL A 84 -23.95 -6.74 -9.02
C VAL A 84 -24.21 -8.18 -9.46
N HIS A 85 -23.23 -8.79 -10.09
CA HIS A 85 -23.32 -10.23 -10.31
C HIS A 85 -22.00 -10.90 -9.95
N LEU A 86 -22.10 -12.18 -9.61
CA LEU A 86 -20.93 -13.01 -9.32
C LEU A 86 -20.35 -13.59 -10.60
N VAL A 87 -19.02 -13.56 -10.72
CA VAL A 87 -18.36 -13.99 -11.95
C VAL A 87 -18.83 -15.41 -12.32
N ALA A 88 -19.21 -15.59 -13.59
CA ALA A 88 -19.91 -16.82 -13.97
C ALA A 88 -19.02 -18.06 -13.85
N ASP A 89 -17.73 -17.94 -14.16
CA ASP A 89 -16.85 -19.10 -14.06
C ASP A 89 -16.14 -19.22 -12.72
N GLY A 90 -16.43 -18.33 -11.77
CA GLY A 90 -15.91 -18.45 -10.41
C GLY A 90 -14.46 -18.06 -10.21
N LYS A 91 -13.84 -17.43 -11.20
CA LYS A 91 -12.39 -17.19 -11.20
C LYS A 91 -12.08 -15.70 -11.12
N PHE A 92 -10.88 -15.40 -10.61
CA PHE A 92 -10.43 -14.01 -10.56
C PHE A 92 -10.05 -13.50 -11.94
N GLY A 93 -9.25 -14.27 -12.68
CA GLY A 93 -8.83 -13.84 -13.99
C GLY A 93 -7.36 -14.10 -14.30
N THR A 94 -7.13 -15.18 -15.05
CA THR A 94 -5.82 -15.51 -15.59
C THR A 94 -5.97 -15.69 -17.09
N GLN A 95 -4.87 -15.46 -17.82
CA GLN A 95 -4.82 -15.70 -19.25
C GLN A 95 -4.57 -17.20 -19.47
N GLU A 96 -5.48 -17.85 -20.17
CA GLU A 96 -5.34 -19.27 -20.49
C GLU A 96 -5.43 -19.44 -22.00
N ARG A 97 -4.70 -20.43 -22.52
CA ARG A 97 -4.66 -20.64 -23.96
C ARG A 97 -5.82 -21.53 -24.39
N VAL A 98 -6.47 -21.15 -25.48
CA VAL A 98 -7.51 -21.98 -26.08
C VAL A 98 -6.86 -23.22 -26.71
N LYS A 103 -2.71 -18.10 -28.59
CA LYS A 103 -3.95 -17.32 -28.54
C LYS A 103 -4.61 -17.33 -27.15
N LYS A 104 -3.92 -16.84 -26.11
CA LYS A 104 -4.46 -16.86 -24.76
C LYS A 104 -5.65 -15.92 -24.62
N GLU A 105 -6.55 -16.25 -23.69
CA GLU A 105 -7.74 -15.45 -23.43
C GLU A 105 -7.92 -15.34 -21.92
N TRP A 106 -8.43 -14.20 -21.46
CA TRP A 106 -8.65 -13.98 -20.03
C TRP A 106 -9.92 -14.69 -19.58
N ASN A 107 -9.83 -15.46 -18.49
CA ASN A 107 -11.02 -16.02 -17.87
C ASN A 107 -11.44 -15.11 -16.70
N GLY A 108 -12.37 -15.58 -15.89
CA GLY A 108 -12.81 -14.97 -14.65
C GLY A 108 -13.28 -13.54 -14.82
N MET A 109 -13.08 -12.75 -13.77
CA MET A 109 -13.55 -11.37 -13.76
C MET A 109 -12.82 -10.55 -14.81
N MET A 110 -11.57 -10.88 -15.11
CA MET A 110 -10.82 -10.16 -16.14
C MET A 110 -11.49 -10.28 -17.50
N GLY A 111 -11.85 -11.51 -17.89
CA GLY A 111 -12.50 -11.70 -19.18
C GLY A 111 -13.88 -11.05 -19.25
N GLU A 112 -14.64 -11.08 -18.14
CA GLU A 112 -15.95 -10.43 -18.14
C GLU A 112 -15.82 -8.92 -18.32
N LEU A 113 -14.82 -8.32 -17.68
CA LEU A 113 -14.60 -6.89 -17.85
C LEU A 113 -14.19 -6.56 -19.28
N LEU A 114 -13.27 -7.36 -19.85
CA LEU A 114 -12.78 -7.05 -21.19
C LEU A 114 -13.83 -7.32 -22.25
N SER A 115 -14.73 -8.26 -22.00
CA SER A 115 -15.77 -8.56 -22.99
C SER A 115 -16.98 -7.63 -22.86
N GLY A 116 -17.01 -6.76 -21.86
CA GLY A 116 -18.16 -5.91 -21.61
C GLY A 116 -19.29 -6.53 -20.80
N GLN A 117 -19.15 -7.78 -20.37
CA GLN A 117 -20.13 -8.34 -19.43
C GLN A 117 -20.09 -7.63 -18.07
N ALA A 118 -19.00 -6.93 -17.78
CA ALA A 118 -18.95 -6.08 -16.60
C ALA A 118 -18.34 -4.75 -17.01
N ASP A 119 -18.70 -3.71 -16.27
CA ASP A 119 -18.08 -2.41 -16.43
C ASP A 119 -17.07 -2.09 -15.34
N MET A 120 -17.14 -2.78 -14.22
CA MET A 120 -16.25 -2.50 -13.10
C MET A 120 -16.05 -3.79 -12.33
N ILE A 121 -14.80 -4.11 -11.98
CA ILE A 121 -14.50 -5.19 -11.06
C ILE A 121 -14.37 -4.61 -9.66
N VAL A 122 -15.25 -5.03 -8.75
CA VAL A 122 -15.19 -4.59 -7.37
C VAL A 122 -15.04 -5.85 -6.53
N ALA A 123 -13.81 -6.13 -6.14
CA ALA A 123 -13.43 -7.42 -5.59
C ALA A 123 -11.99 -7.28 -5.11
N PRO A 124 -11.51 -8.20 -4.25
CA PRO A 124 -10.08 -8.18 -3.90
C PRO A 124 -9.24 -8.74 -5.06
N LEU A 125 -9.11 -7.92 -6.09
CA LEU A 125 -8.43 -8.30 -7.32
C LEU A 125 -7.00 -7.78 -7.23
N THR A 126 -6.05 -8.70 -7.14
CA THR A 126 -4.66 -8.31 -6.93
C THR A 126 -4.13 -7.52 -8.12
N ILE A 127 -3.49 -6.40 -7.85
CA ILE A 127 -2.86 -5.61 -8.91
C ILE A 127 -1.57 -6.29 -9.31
N ASN A 128 -1.41 -6.60 -10.61
CA ASN A 128 -0.16 -7.16 -11.09
C ASN A 128 0.08 -6.68 -12.52
N ASN A 129 1.32 -6.92 -13.00
CA ASN A 129 1.72 -6.43 -14.31
C ASN A 129 0.85 -7.03 -15.42
N GLU A 130 0.64 -8.34 -15.41
CA GLU A 130 -0.08 -9.00 -16.51
C GLU A 130 -1.46 -8.39 -16.70
N ARG A 131 -2.19 -8.17 -15.59
CA ARG A 131 -3.55 -7.62 -15.69
C ARG A 131 -3.52 -6.16 -16.09
N ALA A 132 -2.53 -5.40 -15.57
CA ALA A 132 -2.42 -3.99 -15.87
C ALA A 132 -2.04 -3.71 -17.33
N GLN A 133 -1.46 -4.69 -18.02
CA GLN A 133 -1.27 -4.55 -19.47
C GLN A 133 -2.59 -4.41 -20.21
N TYR A 134 -3.67 -5.00 -19.65
CA TYR A 134 -4.96 -5.11 -20.33
C TYR A 134 -6.04 -4.22 -19.76
N ILE A 135 -6.05 -3.95 -18.45
CA ILE A 135 -7.09 -3.15 -17.80
C ILE A 135 -6.45 -2.05 -16.97
N GLU A 136 -7.29 -1.14 -16.49
CA GLU A 136 -6.91 -0.06 -15.60
C GLU A 136 -7.28 -0.42 -14.17
N PHE A 137 -6.29 -0.39 -13.26
CA PHE A 137 -6.54 -0.50 -11.83
C PHE A 137 -6.62 0.88 -11.20
N SER A 138 -7.48 1.03 -10.19
CA SER A 138 -7.41 2.21 -9.34
C SER A 138 -6.15 2.16 -8.46
N LYS A 139 -5.87 3.28 -7.79
CA LYS A 139 -4.99 3.24 -6.63
C LYS A 139 -5.55 2.23 -5.64
N PRO A 140 -4.72 1.53 -4.89
CA PRO A 140 -5.23 0.43 -4.07
C PRO A 140 -6.24 0.90 -3.03
N PHE A 141 -7.35 0.17 -2.94
CA PHE A 141 -8.29 0.37 -1.85
C PHE A 141 -7.89 -0.44 -0.63
N LYS A 142 -6.95 -1.34 -0.79
CA LYS A 142 -6.43 -2.11 0.33
C LYS A 142 -5.05 -2.61 -0.07
N TYR A 143 -4.06 -2.41 0.79
CA TYR A 143 -2.74 -2.90 0.50
C TYR A 143 -2.67 -4.37 0.88
N GLN A 144 -2.01 -5.16 0.02
CA GLN A 144 -2.02 -6.62 0.06
C GLN A 144 -0.63 -7.14 0.42
N GLY A 145 -0.60 -8.36 0.96
CA GLY A 145 0.62 -9.11 1.11
C GLY A 145 0.30 -10.53 1.54
N LEU A 146 1.35 -11.34 1.62
CA LEU A 146 1.24 -12.67 2.21
C LEU A 146 1.72 -12.61 3.66
N THR A 147 1.10 -13.40 4.50
CA THR A 147 1.64 -13.64 5.83
C THR A 147 1.49 -15.13 6.12
N ILE A 148 1.79 -15.48 7.37
CA ILE A 148 1.88 -16.87 7.79
C ILE A 148 0.96 -17.06 8.99
N LEU A 149 0.15 -18.10 8.95
CA LEU A 149 -0.76 -18.44 10.03
C LEU A 149 -0.19 -19.64 10.78
N VAL A 150 -0.15 -19.53 12.12
CA VAL A 150 0.42 -20.55 12.99
C VAL A 150 -0.44 -20.63 14.25
N LYS A 151 -0.22 -21.68 15.03
CA LYS A 151 -0.80 -21.75 16.38
C LYS A 151 -0.15 -20.70 17.27
N LYS A 152 -0.90 -20.21 18.25
CA LYS A 152 -0.42 -19.12 19.12
C LYS A 152 0.88 -19.48 19.85
N THR A 154 4.01 -19.81 18.56
CA THR A 154 4.90 -20.19 17.46
C THR A 154 5.47 -18.95 16.74
N ARG A 155 6.78 -18.71 16.83
CA ARG A 155 7.36 -17.54 16.20
C ARG A 155 7.99 -17.93 14.88
N ILE A 156 7.59 -17.23 13.81
CA ILE A 156 8.27 -17.24 12.52
C ILE A 156 8.42 -15.79 12.07
N THR A 157 9.65 -15.37 11.79
CA THR A 157 9.90 -13.97 11.47
C THR A 157 9.28 -13.54 10.13
N GLY A 158 8.81 -14.48 9.31
CA GLY A 158 8.44 -14.14 7.95
C GLY A 158 9.24 -14.91 6.90
N ILE A 159 9.23 -14.41 5.66
CA ILE A 159 9.74 -15.18 4.53
C ILE A 159 11.23 -15.55 4.66
N ASN A 160 11.97 -14.86 5.53
CA ASN A 160 13.40 -15.10 5.69
C ASN A 160 13.74 -15.87 6.97
N ASP A 161 12.74 -16.40 7.66
CA ASP A 161 13.00 -17.22 8.83
C ASP A 161 13.75 -18.49 8.43
N PRO A 162 14.76 -18.89 9.21
CA PRO A 162 15.53 -20.11 8.87
C PRO A 162 14.69 -21.37 8.75
N ARG A 163 13.59 -21.48 9.50
CA ARG A 163 12.75 -22.67 9.36
C ARG A 163 11.93 -22.66 8.08
N LEU A 164 11.83 -21.53 7.39
CA LEU A 164 11.32 -21.51 6.02
C LEU A 164 12.42 -21.61 4.98
N ARG A 165 13.50 -20.85 5.15
CA ARG A 165 14.56 -20.83 4.12
C ARG A 165 15.25 -22.18 4.00
N ASN A 166 15.43 -22.89 5.13
CA ASN A 166 16.07 -24.20 5.16
C ASN A 166 15.05 -25.21 5.69
N PRO A 167 14.17 -25.71 4.84
CA PRO A 167 13.06 -26.52 5.32
C PRO A 167 13.50 -27.93 5.71
N SER A 168 12.81 -28.48 6.69
CA SER A 168 12.90 -29.88 7.07
C SER A 168 11.51 -30.37 7.43
N ASP A 169 11.37 -31.70 7.52
CA ASP A 169 10.10 -32.28 7.92
C ASP A 169 9.70 -31.90 9.34
N LYS A 170 10.62 -31.34 10.13
CA LYS A 170 10.27 -30.95 11.49
C LYS A 170 9.38 -29.72 11.55
N PHE A 171 9.31 -28.95 10.46
CA PHE A 171 8.44 -27.77 10.45
C PHE A 171 7.80 -27.67 9.07
N ILE A 172 6.57 -28.14 8.98
CA ILE A 172 5.85 -28.25 7.72
C ILE A 172 5.11 -26.96 7.43
N TYR A 173 5.34 -26.38 6.26
CA TYR A 173 4.57 -25.22 5.84
C TYR A 173 4.07 -25.47 4.42
N ALA A 174 2.97 -24.81 4.09
CA ALA A 174 2.29 -25.09 2.83
C ALA A 174 1.36 -23.94 2.48
N THR A 175 0.82 -24.01 1.26
CA THR A 175 -0.20 -23.08 0.80
C THR A 175 -1.28 -23.92 0.14
N VAL A 176 -2.07 -23.31 -0.75
CA VAL A 176 -3.13 -24.01 -1.46
C VAL A 176 -2.62 -24.41 -2.83
N LYS A 177 -2.77 -25.69 -3.18
CA LYS A 177 -2.43 -26.19 -4.51
C LYS A 177 -3.04 -25.32 -5.58
N GLN A 178 -2.24 -25.00 -6.60
CA GLN A 178 -2.66 -24.27 -7.79
C GLN A 178 -3.14 -22.85 -7.49
N SER A 179 -3.01 -22.38 -6.27
CA SER A 179 -3.38 -21.02 -5.92
C SER A 179 -2.44 -20.03 -6.58
N SER A 180 -2.80 -18.75 -6.50
CA SER A 180 -1.87 -17.71 -6.94
C SER A 180 -0.56 -17.79 -6.17
N VAL A 181 -0.61 -18.18 -4.89
CA VAL A 181 0.61 -18.32 -4.09
C VAL A 181 1.47 -19.43 -4.65
N ASP A 182 0.86 -20.59 -4.90
CA ASP A 182 1.56 -21.71 -5.51
C ASP A 182 2.27 -21.30 -6.78
N ILE A 183 1.54 -20.63 -7.67
CA ILE A 183 2.11 -20.19 -8.94
C ILE A 183 3.24 -19.21 -8.68
N TYR A 184 3.00 -18.25 -7.78
CA TYR A 184 4.00 -17.22 -7.52
C TYR A 184 5.31 -17.84 -7.07
N PHE A 185 5.24 -18.84 -6.17
CA PHE A 185 6.47 -19.44 -5.67
C PHE A 185 7.18 -20.21 -6.77
N ARG A 186 6.41 -20.92 -7.61
CA ARG A 186 7.04 -21.66 -8.71
C ARG A 186 7.80 -20.72 -9.62
N ARG A 187 7.35 -19.47 -9.75
CA ARG A 187 7.91 -18.56 -10.74
C ARG A 187 9.28 -18.01 -10.35
N GLN A 188 9.56 -17.82 -9.05
CA GLN A 188 10.83 -17.22 -8.63
C GLN A 188 11.87 -18.30 -8.36
N VAL A 189 12.95 -18.27 -9.14
CA VAL A 189 14.08 -19.18 -8.97
C VAL A 189 14.54 -19.23 -7.51
N GLU A 190 14.63 -18.06 -6.88
CA GLU A 190 15.15 -17.95 -5.52
C GLU A 190 14.26 -18.63 -4.49
N LEU A 191 13.01 -18.93 -4.81
CA LEU A 191 12.12 -19.64 -3.91
C LEU A 191 12.08 -21.14 -4.18
N SER A 192 12.99 -21.66 -5.01
CA SER A 192 12.93 -23.06 -5.43
C SER A 192 12.89 -24.01 -4.24
N THR A 193 13.74 -23.77 -3.25
CA THR A 193 13.80 -24.68 -2.12
C THR A 193 12.50 -24.65 -1.32
N MET A 194 11.95 -23.46 -1.08
CA MET A 194 10.66 -23.39 -0.39
C MET A 194 9.53 -23.98 -1.23
N TYR A 195 9.58 -23.79 -2.55
CA TYR A 195 8.51 -24.32 -3.39
C TYR A 195 8.46 -25.83 -3.34
N ARG A 196 9.62 -26.48 -3.42
CA ARG A 196 9.63 -27.94 -3.40
C ARG A 196 9.16 -28.48 -2.06
N HIS A 197 9.44 -27.77 -0.97
CA HIS A 197 8.96 -28.21 0.33
C HIS A 197 7.44 -28.10 0.41
N MET A 198 6.89 -26.96 -0.03
CA MET A 198 5.46 -26.77 -0.02
C MET A 198 4.76 -27.79 -0.91
N GLU A 199 5.37 -28.09 -2.07
CA GLU A 199 4.77 -29.00 -3.02
C GLU A 199 4.41 -30.33 -2.39
N LYS A 200 5.17 -30.76 -1.38
CA LYS A 200 4.89 -32.00 -0.68
C LYS A 200 3.76 -31.88 0.32
N HIS A 201 3.26 -30.68 0.58
CA HIS A 201 2.30 -30.51 1.67
C HIS A 201 1.14 -29.58 1.33
N ASN A 202 1.04 -29.10 0.09
CA ASN A 202 0.00 -28.12 -0.23
C ASN A 202 -1.38 -28.77 -0.12
N TYR A 203 -2.34 -28.01 0.39
CA TYR A 203 -3.71 -28.41 0.61
C TYR A 203 -4.61 -28.01 -0.55
N GLU A 204 -5.75 -28.68 -0.65
CA GLU A 204 -6.66 -28.42 -1.76
C GLU A 204 -7.45 -27.12 -1.57
N SER A 205 -7.66 -26.68 -0.34
CA SER A 205 -8.37 -25.44 -0.11
C SER A 205 -7.76 -24.71 1.09
N ALA A 206 -8.04 -23.41 1.17
CA ALA A 206 -7.62 -22.63 2.33
C ALA A 206 -8.25 -23.14 3.62
N ALA A 207 -9.55 -23.45 3.58
CA ALA A 207 -10.26 -23.90 4.76
C ALA A 207 -9.62 -25.15 5.36
N GLU A 208 -9.33 -26.14 4.52
CA GLU A 208 -8.64 -27.34 4.97
C GLU A 208 -7.25 -27.02 5.53
N ALA A 209 -6.52 -26.12 4.86
CA ALA A 209 -5.19 -25.77 5.35
C ALA A 209 -5.27 -25.10 6.71
N ILE A 210 -6.26 -24.22 6.91
CA ILE A 210 -6.40 -23.56 8.19
C ILE A 210 -6.80 -24.56 9.28
N GLN A 211 -7.67 -25.53 8.95
CA GLN A 211 -8.03 -26.54 9.92
C GLN A 211 -6.83 -27.40 10.31
N ALA A 212 -5.95 -27.66 9.35
CA ALA A 212 -4.75 -28.44 9.62
C ALA A 212 -3.78 -27.70 10.54
N VAL A 213 -3.77 -26.36 10.51
CA VAL A 213 -2.94 -25.62 11.46
C VAL A 213 -3.49 -25.78 12.88
N ARG A 214 -4.83 -25.77 13.02
CA ARG A 214 -5.45 -25.97 14.33
C ARG A 214 -5.11 -27.33 14.90
N ASP A 215 -5.08 -28.35 14.04
CA ASP A 215 -4.90 -29.73 14.42
C ASP A 215 -3.44 -30.18 14.41
N ASN A 216 -2.48 -29.23 14.45
CA ASN A 216 -1.05 -29.53 14.51
C ASN A 216 -0.59 -30.46 13.39
N LYS A 217 -1.30 -30.52 12.25
CA LYS A 217 -0.83 -31.28 11.10
C LYS A 217 -0.06 -30.41 10.10
N LEU A 218 -0.28 -29.10 10.14
CA LEU A 218 0.41 -28.12 9.31
C LEU A 218 0.90 -27.04 10.26
N HIS A 219 2.21 -26.77 10.25
CA HIS A 219 2.73 -25.85 11.26
C HIS A 219 2.59 -24.41 10.85
N ALA A 220 2.55 -24.13 9.55
CA ALA A 220 2.46 -22.77 9.04
C ALA A 220 1.73 -22.78 7.71
N PHE A 221 0.80 -21.85 7.54
CA PHE A 221 0.00 -21.72 6.32
C PHE A 221 0.33 -20.37 5.69
N ILE A 222 0.83 -20.39 4.46
CA ILE A 222 1.16 -19.15 3.75
C ILE A 222 -0.04 -18.77 2.89
N TRP A 223 -0.60 -17.59 3.14
CA TRP A 223 -1.82 -17.15 2.46
C TRP A 223 -1.95 -15.63 2.56
N ASP A 224 -2.99 -15.11 1.90
CA ASP A 224 -3.27 -13.69 1.87
C ASP A 224 -3.40 -13.14 3.28
N SER A 225 -2.74 -12.01 3.54
CA SER A 225 -2.65 -11.50 4.90
C SER A 225 -4.01 -11.02 5.41
N ALA A 226 -4.84 -10.45 4.53
CA ALA A 226 -6.15 -9.97 4.97
C ALA A 226 -7.05 -11.14 5.40
N VAL A 227 -7.06 -12.21 4.60
CA VAL A 227 -7.82 -13.40 4.99
C VAL A 227 -7.28 -13.97 6.29
N LEU A 228 -5.95 -14.06 6.41
CA LEU A 228 -5.39 -14.70 7.59
C LEU A 228 -5.62 -13.86 8.84
N GLU A 229 -5.55 -12.53 8.72
CA GLU A 229 -5.92 -11.70 9.87
C GLU A 229 -7.40 -11.82 10.19
N PHE A 230 -8.25 -11.92 9.15
CA PHE A 230 -9.66 -12.25 9.37
C PHE A 230 -9.79 -13.56 10.14
N GLU A 231 -8.98 -14.57 9.79
CA GLU A 231 -9.05 -15.86 10.47
C GLU A 231 -8.60 -15.77 11.92
N ALA A 232 -7.51 -15.05 12.20
CA ALA A 232 -6.98 -14.96 13.55
C ALA A 232 -7.96 -14.25 14.50
N SER A 233 -9.06 -13.72 13.94
CA SER A 233 -10.09 -13.04 14.71
C SER A 233 -11.07 -13.99 15.39
N GLN A 234 -11.08 -15.28 15.06
CA GLN A 234 -11.81 -16.27 15.86
C GLN A 234 -11.29 -16.29 17.31
N CYS A 236 -8.94 -16.75 20.31
CA CYS A 236 -8.30 -17.30 19.12
C CYS A 236 -7.09 -18.18 19.44
N ASP A 237 -7.07 -19.40 18.91
CA ASP A 237 -5.95 -20.30 19.10
C ASP A 237 -4.84 -20.09 18.08
N LEU A 238 -5.12 -19.43 16.96
CA LEU A 238 -4.12 -19.21 15.92
C LEU A 238 -3.77 -17.74 15.83
N VAL A 239 -2.66 -17.46 15.15
CA VAL A 239 -2.14 -16.10 15.02
C VAL A 239 -1.41 -15.96 13.69
N THR A 240 -1.34 -14.72 13.19
CA THR A 240 -0.42 -14.42 12.10
C THR A 240 0.91 -13.99 12.68
N THR A 241 1.98 -14.23 11.93
CA THR A 241 3.33 -14.08 12.46
C THR A 241 4.28 -13.60 11.36
N GLY A 242 5.22 -12.75 11.74
CA GLY A 242 6.25 -12.30 10.84
C GLY A 242 5.85 -11.09 10.00
N GLU A 243 6.85 -10.51 9.34
CA GLU A 243 6.60 -9.41 8.42
C GLU A 243 5.88 -9.90 7.18
N LEU A 244 5.02 -9.05 6.62
CA LEU A 244 4.40 -9.36 5.35
C LEU A 244 5.46 -9.45 4.26
N PHE A 245 5.16 -10.22 3.23
CA PHE A 245 6.08 -10.37 2.12
C PHE A 245 5.28 -10.45 0.83
N PHE A 246 5.96 -10.16 -0.27
CA PHE A 246 5.37 -10.15 -1.62
C PHE A 246 4.14 -9.24 -1.65
N ARG A 247 4.36 -7.99 -1.26
CA ARG A 247 3.27 -7.06 -1.10
C ARG A 247 2.81 -6.50 -2.44
N SER A 248 1.53 -6.13 -2.49
CA SER A 248 0.97 -5.38 -3.60
C SER A 248 -0.31 -4.75 -3.08
N GLY A 249 -1.38 -4.81 -3.86
CA GLY A 249 -2.61 -4.16 -3.46
C GLY A 249 -3.77 -4.76 -4.21
N PHE A 250 -4.96 -4.50 -3.67
CA PHE A 250 -6.21 -4.74 -4.38
C PHE A 250 -6.72 -3.42 -4.96
N GLY A 251 -7.15 -3.45 -6.22
CA GLY A 251 -7.69 -2.28 -6.85
C GLY A 251 -9.01 -2.59 -7.53
N ILE A 252 -9.76 -1.54 -7.81
CA ILE A 252 -10.94 -1.65 -8.68
C ILE A 252 -10.47 -1.74 -10.13
N GLY A 253 -11.02 -2.67 -10.90
CA GLY A 253 -10.61 -2.86 -12.27
C GLY A 253 -11.63 -2.29 -13.24
N MET A 254 -11.14 -1.52 -14.22
CA MET A 254 -11.98 -0.93 -15.26
C MET A 254 -11.24 -1.01 -16.59
N ARG A 255 -12.00 -0.92 -17.69
CA ARG A 255 -11.39 -0.86 -19.01
C ARG A 255 -10.62 0.45 -19.19
N LYS A 256 -9.65 0.44 -20.12
CA LYS A 256 -8.81 1.60 -20.36
C LYS A 256 -9.62 2.85 -20.68
N ASP A 257 -10.71 2.70 -21.42
CA ASP A 257 -11.48 3.85 -21.89
C ASP A 257 -12.45 4.40 -20.85
N SER A 258 -12.55 3.79 -19.66
CA SER A 258 -13.64 4.10 -18.76
C SER A 258 -13.60 5.57 -18.35
N PRO A 259 -14.70 6.32 -18.48
CA PRO A 259 -14.73 7.70 -17.99
C PRO A 259 -14.79 7.81 -16.48
N TRP A 260 -14.80 6.68 -15.76
CA TRP A 260 -14.91 6.70 -14.32
C TRP A 260 -13.56 6.59 -13.60
N LYS A 261 -12.48 6.23 -14.30
CA LYS A 261 -11.32 5.71 -13.60
C LYS A 261 -10.66 6.78 -12.75
N GLN A 262 -10.62 8.02 -13.24
CA GLN A 262 -10.03 9.09 -12.46
C GLN A 262 -10.78 9.27 -11.14
N ASN A 263 -12.09 9.43 -11.20
CA ASN A 263 -12.82 9.75 -9.98
C ASN A 263 -12.91 8.56 -9.04
N VAL A 264 -12.94 7.34 -9.58
CA VAL A 264 -12.87 6.16 -8.74
C VAL A 264 -11.61 6.22 -7.89
N SER A 265 -10.47 6.48 -8.53
CA SER A 265 -9.20 6.43 -7.83
C SER A 265 -9.07 7.59 -6.84
N LEU A 266 -9.53 8.78 -7.23
CA LEU A 266 -9.56 9.92 -6.30
C LEU A 266 -10.46 9.65 -5.09
N SER A 267 -11.61 8.99 -5.31
CA SER A 267 -12.51 8.67 -4.20
C SER A 267 -11.87 7.68 -3.24
N ILE A 268 -11.10 6.74 -3.78
CA ILE A 268 -10.41 5.79 -2.93
C ILE A 268 -9.36 6.50 -2.08
N LEU A 269 -8.60 7.42 -2.69
CA LEU A 269 -7.66 8.22 -1.91
C LEU A 269 -8.38 9.01 -0.82
N LYS A 270 -9.51 9.62 -1.16
CA LYS A 270 -10.21 10.42 -0.17
C LYS A 270 -10.70 9.55 0.99
N SER A 271 -11.18 8.33 0.68
CA SER A 271 -11.68 7.42 1.71
C SER A 271 -10.56 6.85 2.60
N HIS A 272 -9.35 6.62 2.06
CA HIS A 272 -8.21 6.33 2.93
C HIS A 272 -7.91 7.53 3.84
N GLU A 273 -7.91 8.73 3.26
CA GLU A 273 -7.42 9.89 4.00
C GLU A 273 -8.38 10.33 5.10
N ASN A 274 -9.68 10.10 4.94
CA ASN A 274 -10.64 10.54 5.95
C ASN A 274 -11.02 9.45 6.93
N GLY A 275 -10.43 8.26 6.82
CA GLY A 275 -10.66 7.19 7.75
C GLY A 275 -11.78 6.23 7.38
N PHE A 276 -12.53 6.51 6.32
CA PHE A 276 -13.53 5.55 5.86
C PHE A 276 -12.91 4.16 5.66
N MET A 277 -11.75 4.10 5.00
CA MET A 277 -11.19 2.77 4.71
C MET A 277 -10.76 2.07 5.98
N GLU A 278 -10.21 2.80 6.95
CA GLU A 278 -9.81 2.17 8.20
C GLU A 278 -11.03 1.61 8.93
N ASP A 279 -12.14 2.35 8.94
CA ASP A 279 -13.39 1.82 9.47
C ASP A 279 -13.78 0.50 8.83
N LEU A 280 -13.66 0.41 7.50
CA LEU A 280 -13.91 -0.85 6.81
C LEU A 280 -13.00 -1.96 7.33
N ASP A 281 -11.72 -1.66 7.52
CA ASP A 281 -10.81 -2.66 8.06
C ASP A 281 -11.25 -3.12 9.45
N LYS A 282 -11.74 -2.19 10.27
CA LYS A 282 -12.15 -2.55 11.62
C LYS A 282 -13.49 -3.27 11.65
N THR A 283 -14.32 -3.09 10.62
CA THR A 283 -15.58 -3.80 10.55
C THR A 283 -15.40 -5.22 10.05
N TRP A 284 -14.54 -5.42 9.05
CA TRP A 284 -14.53 -6.67 8.30
C TRP A 284 -13.29 -7.52 8.49
N VAL A 285 -12.15 -6.94 8.90
CA VAL A 285 -10.87 -7.64 8.92
C VAL A 285 -10.28 -7.73 10.32
N ARG A 286 -10.34 -6.65 11.12
CA ARG A 286 -9.90 -6.65 12.53
C ARG A 286 -11.04 -6.95 13.50
N TYR A 287 -10.72 -7.67 14.58
CA TYR A 287 -11.75 -7.97 15.60
C TYR A 287 -11.16 -8.38 16.95
N ASP B 3 12.86 13.29 -27.24
CA ASP B 3 14.09 13.03 -26.50
C ASP B 3 13.81 12.21 -25.26
N ASN B 4 14.74 11.31 -24.90
CA ASN B 4 14.59 10.44 -23.76
C ASN B 4 15.53 10.82 -22.61
N HIS B 5 16.02 12.06 -22.57
CA HIS B 5 16.82 12.57 -21.46
C HIS B 5 15.94 13.46 -20.59
N LEU B 6 15.69 13.03 -19.35
CA LEU B 6 14.62 13.60 -18.54
C LEU B 6 15.17 14.34 -17.32
N SER B 7 14.61 15.51 -17.06
CA SER B 7 14.82 16.21 -15.80
C SER B 7 14.00 15.52 -14.71
N ILE B 8 14.67 15.08 -13.65
CA ILE B 8 14.01 14.37 -12.54
C ILE B 8 14.43 15.03 -11.24
N VAL B 9 13.46 15.37 -10.39
CA VAL B 9 13.73 16.00 -9.10
C VAL B 9 13.62 14.95 -8.00
N THR B 10 14.40 15.14 -6.94
CA THR B 10 14.32 14.29 -5.77
C THR B 10 14.57 15.16 -4.53
N LEU B 11 14.67 14.50 -3.37
CA LEU B 11 14.77 15.18 -2.08
C LEU B 11 15.39 14.19 -1.12
N GLU B 12 16.37 14.63 -0.33
CA GLU B 12 17.03 13.71 0.58
C GLU B 12 16.06 13.29 1.70
N GLU B 13 15.94 11.98 1.93
CA GLU B 13 15.23 11.49 3.12
C GLU B 13 15.66 10.03 3.28
N ALA B 14 16.55 9.78 4.21
CA ALA B 14 17.09 8.44 4.34
C ALA B 14 16.00 7.51 4.87
N PRO B 15 16.00 6.23 4.45
CA PRO B 15 16.92 5.56 3.53
C PRO B 15 16.44 5.59 2.07
N PHE B 16 15.44 6.42 1.77
CA PHE B 16 14.87 6.42 0.44
C PHE B 16 15.75 7.18 -0.54
N VAL B 17 16.31 8.32 -0.11
CA VAL B 17 17.24 9.12 -0.87
C VAL B 17 18.31 9.61 0.09
N ILE B 18 19.56 9.20 -0.13
CA ILE B 18 20.70 9.50 0.73
C ILE B 18 21.71 10.28 -0.11
N VAL B 19 22.14 11.44 0.38
CA VAL B 19 23.02 12.30 -0.40
C VAL B 19 24.42 12.22 0.18
N GLU B 20 25.41 12.03 -0.69
CA GLU B 20 26.82 11.94 -0.31
C GLU B 20 27.64 12.94 -1.12
N ASP B 21 28.79 13.32 -0.56
CA ASP B 21 29.72 14.16 -1.30
C ASP B 21 30.42 13.33 -2.38
N ILE B 22 30.65 13.94 -3.53
CA ILE B 22 31.36 13.28 -4.62
C ILE B 22 32.86 13.22 -4.29
N ASP B 23 33.54 12.21 -4.84
CA ASP B 23 35.00 12.16 -4.82
C ASP B 23 35.54 13.36 -5.60
N PRO B 24 36.23 14.29 -4.93
CA PRO B 24 36.64 15.52 -5.65
C PRO B 24 37.71 15.29 -6.69
N LEU B 25 38.64 14.36 -6.45
CA LEU B 25 39.65 14.04 -7.47
C LEU B 25 38.99 13.57 -8.76
N THR B 26 38.07 12.60 -8.66
CA THR B 26 37.52 11.96 -9.84
C THR B 26 36.26 12.61 -10.36
N GLU B 27 35.49 13.28 -9.49
CA GLU B 27 34.23 13.93 -9.86
C GLU B 27 33.25 12.95 -10.50
N THR B 28 33.34 11.67 -10.11
CA THR B 28 32.45 10.64 -10.62
C THR B 28 31.85 9.86 -9.45
N CYS B 29 30.56 9.54 -9.56
CA CYS B 29 29.85 8.76 -8.56
C CYS B 29 30.07 7.27 -8.81
N VAL B 30 30.29 6.51 -7.74
CA VAL B 30 30.57 5.08 -7.90
C VAL B 30 29.61 4.26 -7.05
N ARG B 31 29.98 3.00 -6.79
CA ARG B 31 29.23 2.02 -5.98
C ARG B 31 27.77 2.05 -6.42
N ASN B 32 26.81 2.16 -5.50
CA ASN B 32 25.39 2.16 -5.82
C ASN B 32 24.82 3.56 -6.02
N THR B 33 25.67 4.59 -6.15
CA THR B 33 25.19 5.97 -6.23
C THR B 33 25.13 6.44 -7.69
N VAL B 34 24.33 7.48 -7.91
CA VAL B 34 24.17 8.12 -9.21
C VAL B 34 24.40 9.61 -9.03
N PRO B 35 24.80 10.35 -10.07
CA PRO B 35 24.96 11.80 -9.91
C PRO B 35 23.64 12.51 -9.64
N CYS B 36 23.70 13.51 -8.78
CA CYS B 36 22.58 14.40 -8.49
C CYS B 36 23.17 15.73 -8.08
N ARG B 37 22.59 16.81 -8.57
CA ARG B 37 23.11 18.14 -8.31
C ARG B 37 22.20 18.90 -7.36
N LYS B 38 22.79 19.83 -6.62
CA LYS B 38 22.03 20.71 -5.74
C LYS B 38 22.45 22.15 -5.96
N PHE B 39 21.48 23.04 -6.15
CA PHE B 39 21.72 24.46 -6.31
C PHE B 39 21.94 25.10 -4.94
N VAL B 40 23.09 25.76 -4.77
CA VAL B 40 23.50 26.35 -3.50
C VAL B 40 23.86 27.83 -3.74
N LYS B 41 23.24 28.73 -2.97
CA LYS B 41 23.43 30.16 -3.17
C LYS B 41 24.85 30.57 -2.78
N ILE B 42 25.34 31.64 -3.42
CA ILE B 42 26.65 32.21 -3.07
C ILE B 42 26.56 33.00 -1.77
N ASN B 43 25.47 33.72 -1.57
CA ASN B 43 25.31 34.58 -0.40
C ASN B 43 23.82 34.91 -0.25
N ASN B 44 23.51 35.78 0.71
CA ASN B 44 22.14 36.15 1.03
C ASN B 44 21.67 37.42 0.35
N SER B 45 22.54 38.10 -0.41
CA SER B 45 22.14 39.34 -1.06
C SER B 45 21.38 39.08 -2.36
N THR B 46 21.85 38.15 -3.19
CA THR B 46 21.23 37.85 -4.47
C THR B 46 20.83 36.39 -4.53
N ASN B 47 20.14 36.01 -5.60
CA ASN B 47 19.74 34.64 -5.81
C ASN B 47 20.75 33.86 -6.67
N GLU B 48 21.89 34.46 -6.98
CA GLU B 48 22.96 33.74 -7.65
C GLU B 48 23.38 32.50 -6.85
N GLY B 49 23.57 31.39 -7.57
CA GLY B 49 24.01 30.16 -6.95
C GLY B 49 24.76 29.29 -7.94
N MET B 50 25.20 28.14 -7.45
CA MET B 50 25.91 27.16 -8.25
C MET B 50 25.29 25.79 -8.05
N ASN B 51 25.27 25.00 -9.12
CA ASN B 51 24.87 23.61 -8.99
C ASN B 51 26.05 22.80 -8.48
N VAL B 52 25.94 22.30 -7.27
CA VAL B 52 26.97 21.43 -6.69
C VAL B 52 26.73 20.01 -7.17
N LYS B 53 27.78 19.39 -7.73
CA LYS B 53 27.72 17.98 -8.13
C LYS B 53 27.84 17.10 -6.88
N LYS B 54 26.82 16.29 -6.65
CA LYS B 54 26.76 15.39 -5.50
C LYS B 54 26.40 13.99 -6.00
N CYS B 55 26.30 13.04 -5.07
CA CYS B 55 25.93 11.66 -5.38
C CYS B 55 24.78 11.24 -4.49
N CYS B 56 23.89 10.42 -5.05
CA CYS B 56 22.65 10.01 -4.40
C CYS B 56 22.51 8.49 -4.45
N LYS B 57 22.03 7.91 -3.36
CA LYS B 57 21.77 6.47 -3.32
C LYS B 57 20.54 6.23 -2.45
N GLY B 58 20.09 4.99 -2.41
CA GLY B 58 19.01 4.59 -1.52
C GLY B 58 17.96 3.80 -2.24
N PHE B 59 16.91 3.44 -1.49
CA PHE B 59 15.79 2.65 -2.00
C PHE B 59 15.22 3.25 -3.29
N CYS B 60 14.88 4.54 -3.25
CA CYS B 60 14.28 5.17 -4.42
C CYS B 60 15.28 5.32 -5.56
N ILE B 61 16.57 5.45 -5.24
CA ILE B 61 17.57 5.57 -6.29
C ILE B 61 17.75 4.24 -7.02
N ASP B 62 17.72 3.13 -6.28
CA ASP B 62 17.75 1.84 -6.97
C ASP B 62 16.52 1.66 -7.85
N ILE B 63 15.37 2.19 -7.44
CA ILE B 63 14.18 2.12 -8.28
C ILE B 63 14.38 2.96 -9.52
N LEU B 64 14.90 4.17 -9.35
CA LEU B 64 15.17 5.01 -10.51
C LEU B 64 16.14 4.33 -11.48
N LYS B 65 17.18 3.70 -10.95
CA LYS B 65 18.14 3.05 -11.85
C LYS B 65 17.47 1.94 -12.64
N LYS B 66 16.65 1.11 -11.98
CA LYS B 66 15.93 0.05 -12.69
C LYS B 66 14.96 0.61 -13.72
N LEU B 67 14.27 1.71 -13.39
CA LEU B 67 13.33 2.27 -14.34
C LEU B 67 14.05 2.83 -15.55
N SER B 68 15.17 3.52 -15.32
CA SER B 68 16.01 4.02 -16.39
C SER B 68 16.39 2.91 -17.37
N ARG B 69 16.76 1.74 -16.82
CA ARG B 69 17.11 0.61 -17.67
C ARG B 69 15.91 0.08 -18.43
N THR B 70 14.84 -0.26 -17.71
CA THR B 70 13.75 -0.99 -18.36
C THR B 70 12.89 -0.07 -19.24
N VAL B 71 12.65 1.17 -18.79
CA VAL B 71 11.82 2.09 -19.56
C VAL B 71 12.62 2.81 -20.63
N LYS B 72 13.95 2.78 -20.53
CA LYS B 72 14.85 3.30 -21.54
C LYS B 72 14.84 4.83 -21.55
N PHE B 73 15.42 5.42 -20.52
CA PHE B 73 15.65 6.86 -20.52
C PHE B 73 16.92 7.11 -19.73
N THR B 74 17.51 8.27 -20.00
CA THR B 74 18.56 8.84 -19.17
C THR B 74 17.99 10.05 -18.45
N TYR B 75 18.77 10.58 -17.50
CA TYR B 75 18.17 11.63 -16.69
C TYR B 75 19.23 12.55 -16.13
N ASP B 76 18.77 13.72 -15.70
CA ASP B 76 19.56 14.71 -14.98
C ASP B 76 18.83 14.88 -13.65
N LEU B 77 19.36 14.25 -12.61
CA LEU B 77 18.73 14.21 -11.30
C LEU B 77 19.16 15.43 -10.49
N TYR B 78 18.19 16.19 -9.94
CA TYR B 78 18.53 17.32 -9.09
C TYR B 78 17.72 17.29 -7.80
N LEU B 79 18.28 17.87 -6.74
CA LEU B 79 17.64 17.94 -5.45
C LEU B 79 16.82 19.22 -5.36
N VAL B 80 15.58 19.09 -4.92
CA VAL B 80 14.71 20.26 -4.84
C VAL B 80 15.24 21.20 -3.76
N THR B 81 15.19 22.50 -4.03
CA THR B 81 15.56 23.50 -3.04
C THR B 81 14.46 24.52 -2.78
N ASN B 82 13.39 24.52 -3.57
CA ASN B 82 12.24 25.38 -3.29
C ASN B 82 11.21 24.57 -2.50
N GLY B 83 11.40 24.50 -1.18
CA GLY B 83 10.54 23.71 -0.34
C GLY B 83 10.96 22.24 -0.32
N LYS B 84 10.03 21.36 0.08
CA LYS B 84 10.42 19.97 0.28
C LYS B 84 9.59 18.99 -0.54
N HIS B 85 8.73 18.18 0.08
CA HIS B 85 7.98 17.20 -0.70
C HIS B 85 6.96 17.89 -1.60
N GLY B 86 6.17 18.81 -1.03
CA GLY B 86 5.15 19.52 -1.79
C GLY B 86 4.07 20.10 -0.91
N LYS B 87 3.86 21.40 -1.03
CA LYS B 87 2.77 22.08 -0.34
C LYS B 87 2.26 23.20 -1.23
N LYS B 88 0.95 23.40 -1.24
CA LYS B 88 0.33 24.50 -1.96
C LYS B 88 0.36 25.71 -1.04
N VAL B 89 1.15 26.72 -1.40
CA VAL B 89 1.28 27.93 -0.60
C VAL B 89 0.76 29.08 -1.46
N ASN B 90 -0.24 29.80 -0.94
CA ASN B 90 -0.89 30.89 -1.67
C ASN B 90 -1.27 30.45 -3.07
N ASN B 91 -1.81 29.26 -3.18
CA ASN B 91 -2.28 28.67 -4.43
C ASN B 91 -1.14 28.28 -5.38
N VAL B 92 0.10 28.15 -4.89
CA VAL B 92 1.23 27.76 -5.72
C VAL B 92 1.92 26.58 -5.05
N TRP B 93 1.94 25.44 -5.72
CA TRP B 93 2.66 24.27 -5.22
C TRP B 93 4.17 24.52 -5.22
N ASN B 94 4.82 24.23 -4.09
CA ASN B 94 6.27 24.22 -4.02
C ASN B 94 6.76 22.77 -3.94
N GLY B 95 8.06 22.60 -3.66
CA GLY B 95 8.62 21.29 -3.45
C GLY B 95 8.68 20.44 -4.71
N MET B 96 8.85 19.12 -4.51
CA MET B 96 8.93 18.21 -5.64
C MET B 96 7.66 18.28 -6.49
N ILE B 97 6.50 18.42 -5.85
CA ILE B 97 5.26 18.51 -6.61
C ILE B 97 5.29 19.76 -7.49
N GLY B 98 5.72 20.89 -6.92
CA GLY B 98 5.82 22.11 -7.70
C GLY B 98 6.73 21.97 -8.90
N GLU B 99 7.85 21.25 -8.72
CA GLU B 99 8.78 21.08 -9.85
C GLU B 99 8.12 20.35 -11.00
N VAL B 100 7.21 19.42 -10.70
CA VAL B 100 6.53 18.69 -11.74
C VAL B 100 5.39 19.52 -12.31
N VAL B 101 4.61 20.17 -11.43
CA VAL B 101 3.49 20.98 -11.88
C VAL B 101 3.96 22.04 -12.87
N TYR B 102 5.10 22.68 -12.57
CA TYR B 102 5.59 23.78 -13.37
C TYR B 102 6.63 23.33 -14.40
N GLN B 103 6.64 22.04 -14.73
CA GLN B 103 7.34 21.45 -15.88
C GLN B 103 8.83 21.68 -15.84
N ARG B 104 9.37 21.85 -14.63
CA ARG B 104 10.82 21.86 -14.45
C ARG B 104 11.37 20.46 -14.31
N ALA B 105 10.55 19.49 -13.92
CA ALA B 105 10.95 18.10 -13.84
C ALA B 105 9.93 17.27 -14.59
N VAL B 106 10.41 16.27 -15.33
CA VAL B 106 9.50 15.31 -15.95
C VAL B 106 8.90 14.39 -14.90
N MET B 107 9.66 14.08 -13.86
CA MET B 107 9.09 13.28 -12.77
C MET B 107 9.81 13.61 -11.47
N ALA B 108 9.18 13.21 -10.37
CA ALA B 108 9.73 13.39 -9.04
C ALA B 108 9.84 12.00 -8.44
N VAL B 109 11.04 11.65 -7.98
CA VAL B 109 11.33 10.32 -7.44
C VAL B 109 11.87 10.48 -6.02
N GLY B 110 11.16 9.93 -5.04
CA GLY B 110 11.57 10.09 -3.67
C GLY B 110 10.50 9.57 -2.73
N SER B 111 10.63 9.95 -1.46
CA SER B 111 9.65 9.56 -0.45
C SER B 111 8.41 10.46 -0.54
N LEU B 112 7.78 10.42 -1.70
CA LEU B 112 6.70 11.36 -2.05
C LEU B 112 5.35 10.66 -1.89
N THR B 113 4.59 11.10 -0.90
CA THR B 113 3.34 10.46 -0.55
C THR B 113 2.23 10.79 -1.55
N ILE B 114 1.51 9.76 -1.97
CA ILE B 114 0.34 9.91 -2.83
C ILE B 114 -0.82 10.39 -1.97
N ASN B 115 -1.40 11.54 -2.32
CA ASN B 115 -2.67 11.90 -1.72
C ASN B 115 -3.59 12.54 -2.76
N GLU B 116 -4.84 12.78 -2.35
CA GLU B 116 -5.87 13.22 -3.28
C GLU B 116 -5.57 14.61 -3.83
N GLU B 117 -5.20 15.57 -2.97
CA GLU B 117 -4.96 16.92 -3.47
C GLU B 117 -3.76 16.97 -4.43
N ARG B 118 -2.71 16.19 -4.16
CA ARG B 118 -1.58 16.19 -5.11
C ARG B 118 -1.96 15.56 -6.42
N SER B 119 -2.84 14.56 -6.39
CA SER B 119 -3.29 13.86 -7.58
C SER B 119 -4.17 14.72 -8.46
N GLU B 120 -4.65 15.85 -7.95
CA GLU B 120 -5.37 16.79 -8.79
C GLU B 120 -4.44 17.58 -9.69
N VAL B 121 -3.16 17.71 -9.32
CA VAL B 121 -2.25 18.55 -10.09
C VAL B 121 -1.13 17.77 -10.76
N VAL B 122 -0.85 16.53 -10.34
CA VAL B 122 0.12 15.68 -11.01
C VAL B 122 -0.53 14.31 -11.19
N ASP B 123 0.09 13.48 -12.04
CA ASP B 123 -0.24 12.06 -12.08
C ASP B 123 0.78 11.28 -11.26
N PHE B 124 0.30 10.29 -10.51
CA PHE B 124 1.17 9.41 -9.76
C PHE B 124 1.23 8.04 -10.42
N SER B 125 2.43 7.44 -10.42
CA SER B 125 2.57 6.03 -10.77
C SER B 125 1.82 5.18 -9.76
N VAL B 126 1.75 3.87 -10.00
CA VAL B 126 1.35 2.95 -8.94
C VAL B 126 2.23 3.19 -7.73
N PRO B 127 1.70 3.05 -6.52
CA PRO B 127 2.56 3.16 -5.32
C PRO B 127 3.59 2.05 -5.34
N PHE B 128 4.85 2.40 -5.10
CA PHE B 128 5.91 1.38 -5.11
C PHE B 128 6.37 0.98 -3.71
N VAL B 129 5.87 1.62 -2.66
CA VAL B 129 6.05 1.15 -1.29
C VAL B 129 4.89 1.71 -0.46
N GLU B 130 4.44 0.93 0.50
CA GLU B 130 3.30 1.33 1.30
C GLU B 130 3.73 2.34 2.35
N THR B 131 2.88 3.32 2.57
CA THR B 131 3.10 4.23 3.67
C THR B 131 1.74 4.74 4.11
N GLY B 132 1.76 5.76 4.93
CA GLY B 132 0.62 6.37 5.57
C GLY B 132 1.12 7.18 6.74
N ILE B 133 0.29 7.26 7.78
CA ILE B 133 0.64 7.97 9.00
C ILE B 133 0.83 6.95 10.12
N SER B 134 1.96 7.03 10.82
CA SER B 134 2.12 6.29 12.06
C SER B 134 2.40 7.24 13.22
N VAL B 135 2.40 6.67 14.42
CA VAL B 135 2.63 7.40 15.65
C VAL B 135 3.77 6.71 16.37
N MET B 136 4.86 7.43 16.61
CA MET B 136 6.00 6.91 17.34
C MET B 136 5.98 7.44 18.77
N VAL B 137 6.30 6.57 19.73
CA VAL B 137 6.39 6.93 21.14
C VAL B 137 7.62 6.25 21.73
N SER B 138 8.00 6.67 22.94
CA SER B 138 8.89 5.87 23.76
C SER B 138 8.12 4.71 24.34
N ARG B 139 8.77 3.55 24.41
CA ARG B 139 8.10 2.32 24.83
C ARG B 139 7.36 2.51 26.15
N GLY B 140 6.09 2.13 26.16
CA GLY B 140 5.27 2.22 27.35
C GLY B 140 4.23 3.33 27.30
N THR B 141 4.51 4.41 26.58
CA THR B 141 3.49 5.43 26.38
C THR B 141 2.30 4.81 25.69
N GLN B 142 1.11 5.03 26.26
CA GLN B 142 -0.09 4.41 25.76
C GLN B 142 -0.85 5.42 24.92
N VAL B 143 -1.09 5.07 23.65
CA VAL B 143 -1.87 5.87 22.73
C VAL B 143 -2.64 4.89 21.87
N THR B 144 -3.98 5.01 21.84
CA THR B 144 -4.76 4.02 21.10
C THR B 144 -4.62 4.19 19.59
N GLY B 145 -4.43 5.40 19.13
CA GLY B 145 -4.39 5.69 17.71
C GLY B 145 -4.54 7.18 17.50
N LEU B 146 -4.64 7.56 16.21
CA LEU B 146 -4.85 8.97 15.87
C LEU B 146 -6.10 9.53 16.54
N SER B 147 -7.11 8.69 16.75
CA SER B 147 -8.38 9.14 17.32
C SER B 147 -8.39 9.07 18.84
N ASP B 148 -7.27 8.70 19.45
CA ASP B 148 -7.16 8.82 20.90
C ASP B 148 -7.51 10.24 21.33
N LYS B 149 -8.37 10.36 22.33
CA LYS B 149 -8.81 11.70 22.70
C LYS B 149 -7.70 12.52 23.35
N LYS B 150 -6.59 11.88 23.77
CA LYS B 150 -5.38 12.63 24.07
C LYS B 150 -4.92 13.46 22.88
N PHE B 151 -5.17 12.99 21.66
CA PHE B 151 -4.86 13.74 20.44
C PHE B 151 -6.00 14.66 20.02
N GLN B 152 -7.24 14.14 20.08
CA GLN B 152 -8.38 14.83 19.47
C GLN B 152 -8.80 16.03 20.30
N ARG B 153 -8.83 15.87 21.61
CA ARG B 153 -9.23 16.91 22.55
C ARG B 153 -8.13 17.06 23.58
N PRO B 154 -6.93 17.49 23.16
CA PRO B 154 -5.75 17.41 24.06
C PRO B 154 -5.90 18.15 25.37
N HIS B 155 -6.67 19.24 25.42
CA HIS B 155 -6.77 19.99 26.66
C HIS B 155 -7.82 19.42 27.61
N ASP B 156 -8.42 18.28 27.26
CA ASP B 156 -9.17 17.52 28.25
C ASP B 156 -8.26 16.90 29.30
N TYR B 157 -6.95 16.95 29.11
CA TYR B 157 -5.99 16.25 29.95
C TYR B 157 -5.02 17.25 30.56
N SER B 158 -4.61 16.98 31.79
CA SER B 158 -3.72 17.87 32.54
C SER B 158 -2.61 17.03 33.15
N PRO B 159 -1.35 17.17 32.71
CA PRO B 159 -0.96 18.05 31.60
C PRO B 159 -1.34 17.47 30.25
N PRO B 160 -1.46 18.32 29.23
CA PRO B 160 -1.84 17.83 27.91
C PRO B 160 -0.72 17.04 27.28
N PHE B 161 -1.12 16.10 26.43
CA PHE B 161 -0.18 15.31 25.65
C PHE B 161 0.66 16.22 24.75
N ARG B 162 1.96 15.93 24.67
CA ARG B 162 2.90 16.70 23.86
C ARG B 162 3.18 15.90 22.58
N PHE B 163 2.70 16.40 21.43
CA PHE B 163 2.87 15.62 20.21
C PHE B 163 2.94 16.57 19.02
N GLY B 164 3.68 16.16 18.00
CA GLY B 164 3.94 17.02 16.86
C GLY B 164 4.29 16.23 15.62
N THR B 165 4.46 16.96 14.53
CA THR B 165 4.90 16.41 13.25
C THR B 165 5.97 17.36 12.68
N VAL B 166 6.55 16.96 11.57
CA VAL B 166 7.34 17.87 10.73
C VAL B 166 6.36 18.55 9.77
N PRO B 167 6.20 19.86 9.85
CA PRO B 167 5.08 20.50 9.13
C PRO B 167 5.30 20.54 7.63
N ASN B 168 4.23 20.89 6.93
CA ASN B 168 4.18 21.21 5.50
C ASN B 168 4.22 20.01 4.57
N GLY B 169 4.15 18.78 5.10
CA GLY B 169 4.07 17.59 4.29
C GLY B 169 2.67 17.00 4.28
N SER B 170 2.58 15.76 3.80
CA SER B 170 1.27 15.11 3.67
C SER B 170 0.64 14.81 5.02
N THR B 171 1.45 14.54 6.04
CA THR B 171 0.91 14.18 7.34
C THR B 171 0.20 15.37 7.99
N GLU B 172 0.88 16.52 8.04
CA GLU B 172 0.22 17.73 8.56
C GLU B 172 -1.02 18.07 7.75
N ARG B 173 -0.94 17.98 6.42
CA ARG B 173 -2.11 18.24 5.58
C ARG B 173 -3.29 17.36 5.99
N ASN B 174 -3.02 16.09 6.28
CA ASN B 174 -4.09 15.19 6.70
C ASN B 174 -4.65 15.60 8.06
N ILE B 175 -3.77 15.92 9.01
CA ILE B 175 -4.27 16.31 10.33
C ILE B 175 -5.09 17.58 10.22
N ARG B 176 -4.57 18.59 9.50
CA ARG B 176 -5.26 19.86 9.31
C ARG B 176 -6.65 19.66 8.72
N ASN B 177 -6.79 18.73 7.77
CA ASN B 177 -8.07 18.50 7.13
C ASN B 177 -9.05 17.74 8.02
N ASN B 178 -8.57 16.74 8.77
CA ASN B 178 -9.47 15.84 9.48
C ASN B 178 -9.81 16.32 10.89
N TYR B 179 -8.85 16.93 11.58
CA TYR B 179 -8.95 17.16 13.03
C TYR B 179 -8.49 18.58 13.35
N PRO B 180 -9.33 19.58 13.09
CA PRO B 180 -8.83 20.96 13.19
C PRO B 180 -8.32 21.33 14.58
N TYR B 181 -9.02 20.95 15.65
CA TYR B 181 -8.55 21.31 16.99
C TYR B 181 -7.19 20.65 17.30
N MET B 182 -7.06 19.37 16.97
CA MET B 182 -5.78 18.67 17.12
C MET B 182 -4.66 19.35 16.34
N HIS B 183 -4.96 19.73 15.10
CA HIS B 183 -3.95 20.38 14.28
C HIS B 183 -3.47 21.70 14.88
N GLN B 184 -4.39 22.61 15.22
CA GLN B 184 -3.94 23.90 15.75
C GLN B 184 -3.16 23.72 17.04
N TYR B 185 -3.48 22.68 17.81
CA TYR B 185 -2.76 22.42 19.05
C TYR B 185 -1.33 21.95 18.80
N MET B 186 -1.14 21.06 17.82
CA MET B 186 0.17 20.44 17.55
C MET B 186 1.21 21.41 17.06
N THR B 187 0.78 22.53 16.45
CA THR B 187 1.76 23.37 15.77
C THR B 187 2.82 23.86 16.74
N ARG B 188 2.47 24.05 18.01
CA ARG B 188 3.49 24.46 18.97
C ARG B 188 4.53 23.37 19.19
N PHE B 189 4.27 22.14 18.76
CA PHE B 189 5.26 21.08 18.87
C PHE B 189 5.85 20.73 17.52
N ASN B 190 5.70 21.61 16.52
CA ASN B 190 6.25 21.37 15.20
C ASN B 190 7.73 21.03 15.32
N GLN B 191 8.18 20.03 14.59
CA GLN B 191 9.58 19.64 14.61
C GLN B 191 10.25 20.04 13.30
N ARG B 192 11.47 20.55 13.39
CA ARG B 192 12.17 20.98 12.19
C ARG B 192 12.51 19.80 11.28
N GLY B 193 12.73 18.62 11.85
CA GLY B 193 12.96 17.46 11.02
C GLY B 193 12.81 16.22 11.87
N VAL B 194 12.99 15.07 11.22
CA VAL B 194 12.81 13.80 11.88
C VAL B 194 13.84 13.60 12.98
N GLU B 195 15.11 13.96 12.72
CA GLU B 195 16.14 13.72 13.74
C GLU B 195 15.88 14.56 14.99
N ASP B 196 15.50 15.82 14.80
CA ASP B 196 15.04 16.63 15.93
C ASP B 196 13.95 15.92 16.71
N ALA B 197 12.94 15.41 16.00
CA ALA B 197 11.79 14.80 16.67
C ALA B 197 12.19 13.57 17.47
N LEU B 198 13.05 12.73 16.88
CA LEU B 198 13.49 11.52 17.56
C LEU B 198 14.25 11.84 18.83
N VAL B 199 15.12 12.87 18.78
CA VAL B 199 15.84 13.26 19.99
C VAL B 199 14.86 13.82 21.03
N SER B 200 13.87 14.59 20.59
CA SER B 200 12.88 15.13 21.51
C SER B 200 12.11 14.02 22.20
N LEU B 201 11.75 12.96 21.47
CA LEU B 201 11.09 11.80 22.06
C LEU B 201 11.97 11.07 23.06
N LYS B 202 13.22 10.76 22.68
CA LYS B 202 14.08 9.94 23.53
C LYS B 202 14.41 10.63 24.84
N THR B 203 14.42 11.96 24.84
CA THR B 203 14.77 12.69 26.03
C THR B 203 13.54 13.18 26.79
N GLY B 204 12.35 12.70 26.45
CA GLY B 204 11.16 13.03 27.19
C GLY B 204 10.60 14.42 27.03
N LYS B 205 11.03 15.17 26.01
CA LYS B 205 10.45 16.48 25.75
C LYS B 205 9.22 16.41 24.86
N LEU B 206 8.94 15.23 24.31
CA LEU B 206 7.79 15.01 23.45
C LEU B 206 7.21 13.64 23.79
N ASP B 207 5.88 13.52 23.79
CA ASP B 207 5.26 12.22 24.07
C ASP B 207 5.00 11.40 22.83
N ALA B 208 4.69 12.02 21.68
CA ALA B 208 4.44 11.26 20.47
C ALA B 208 4.88 12.09 19.27
N PHE B 209 5.30 11.40 18.22
CA PHE B 209 5.73 12.01 16.97
C PHE B 209 4.90 11.37 15.87
N ILE B 210 4.13 12.18 15.16
CA ILE B 210 3.23 11.70 14.11
C ILE B 210 3.86 12.01 12.77
N TYR B 211 4.01 11.00 11.92
CA TYR B 211 4.83 11.19 10.73
C TYR B 211 4.60 10.04 9.75
N ASP B 212 5.19 10.20 8.55
CA ASP B 212 5.18 9.17 7.51
C ASP B 212 5.51 7.79 8.06
N ALA B 213 4.69 6.80 7.68
CA ALA B 213 4.80 5.47 8.27
C ALA B 213 6.06 4.77 7.82
N ALA B 214 6.40 4.87 6.54
CA ALA B 214 7.61 4.20 6.07
C ALA B 214 8.85 4.72 6.78
N VAL B 215 8.96 6.04 6.94
CA VAL B 215 10.15 6.57 7.61
C VAL B 215 10.14 6.23 9.08
N LEU B 216 8.99 6.38 9.75
CA LEU B 216 8.92 6.08 11.18
C LEU B 216 9.26 4.61 11.45
N ASN B 217 8.75 3.70 10.63
CA ASN B 217 9.00 2.29 10.92
C ASN B 217 10.45 1.93 10.61
N TYR B 218 11.07 2.61 9.64
CA TYR B 218 12.50 2.45 9.42
C TYR B 218 13.31 2.97 10.61
N LYS B 219 12.89 4.10 11.20
CA LYS B 219 13.63 4.63 12.34
C LYS B 219 13.48 3.76 13.58
N ALA B 220 12.26 3.27 13.82
CA ALA B 220 12.05 2.35 14.93
C ALA B 220 12.96 1.13 14.82
N GLY B 221 13.07 0.55 13.62
CA GLY B 221 13.94 -0.59 13.42
C GLY B 221 15.40 -0.31 13.69
N ARG B 222 15.82 0.94 13.61
CA ARG B 222 17.22 1.30 13.82
C ARG B 222 17.48 1.97 15.16
N ASP B 223 16.45 2.18 15.99
CA ASP B 223 16.64 3.01 17.18
C ASP B 223 17.58 2.32 18.17
N GLU B 224 18.65 3.01 18.55
CA GLU B 224 19.60 2.50 19.53
C GLU B 224 18.88 2.20 20.84
N GLY B 225 18.89 0.94 21.25
CA GLY B 225 18.19 0.51 22.44
C GLY B 225 16.78 0.03 22.21
N CYS B 226 16.25 0.22 20.99
CA CYS B 226 14.90 -0.21 20.63
C CYS B 226 13.85 0.38 21.57
N LYS B 227 14.04 1.64 21.97
CA LYS B 227 13.11 2.31 22.87
C LYS B 227 12.00 3.06 22.13
N LEU B 228 12.25 3.51 20.90
CA LEU B 228 11.26 4.24 20.12
C LEU B 228 10.48 3.26 19.26
N VAL B 229 9.15 3.25 19.40
CA VAL B 229 8.31 2.26 18.75
C VAL B 229 7.14 2.98 18.11
N THR B 230 6.60 2.37 17.06
CA THR B 230 5.36 2.85 16.45
C THR B 230 4.18 2.11 17.06
N ILE B 231 3.14 2.86 17.43
CA ILE B 231 2.02 2.27 18.16
C ILE B 231 1.31 1.24 17.29
N GLY B 232 0.49 0.44 17.97
CA GLY B 232 -0.01 -0.77 17.35
C GLY B 232 1.19 -1.70 17.29
N SER B 233 1.57 -2.06 16.09
CA SER B 233 2.85 -2.71 15.91
C SER B 233 3.29 -2.32 14.51
N GLY B 234 3.64 -1.04 14.35
CA GLY B 234 3.81 -0.49 13.02
C GLY B 234 2.51 -0.20 12.30
N TYR B 235 1.42 0.06 13.06
CA TYR B 235 0.12 0.31 12.46
C TYR B 235 0.14 1.57 11.61
N ILE B 236 -0.51 1.50 10.45
CA ILE B 236 -0.50 2.57 9.45
C ILE B 236 -1.93 3.11 9.30
N PHE B 237 -2.12 4.38 9.64
CA PHE B 237 -3.35 5.12 9.35
C PHE B 237 -3.28 5.75 7.97
N ALA B 238 -4.45 5.87 7.32
CA ALA B 238 -4.55 6.48 6.01
C ALA B 238 -3.52 5.87 5.05
N THR B 239 -3.64 4.55 4.86
CA THR B 239 -2.69 3.83 4.06
C THR B 239 -2.64 4.41 2.67
N THR B 240 -1.44 4.60 2.17
CA THR B 240 -1.23 5.07 0.82
C THR B 240 0.15 4.55 0.41
N GLY B 241 0.86 5.29 -0.41
CA GLY B 241 2.18 4.83 -0.80
C GLY B 241 2.99 6.00 -1.30
N TYR B 242 4.29 5.74 -1.44
CA TYR B 242 5.11 6.60 -2.26
C TYR B 242 4.83 6.28 -3.71
N GLY B 243 4.70 7.32 -4.52
CA GLY B 243 4.56 7.16 -5.94
C GLY B 243 5.48 8.12 -6.66
N ILE B 244 5.76 7.78 -7.92
CA ILE B 244 6.46 8.72 -8.80
C ILE B 244 5.44 9.73 -9.33
N ALA B 245 5.77 11.00 -9.19
CA ALA B 245 4.90 12.06 -9.67
C ALA B 245 5.33 12.42 -11.09
N LEU B 246 4.35 12.50 -11.99
CA LEU B 246 4.57 12.84 -13.39
C LEU B 246 3.61 13.95 -13.77
N GLN B 247 3.95 14.65 -14.84
CA GLN B 247 3.04 15.68 -15.31
C GLN B 247 1.72 15.05 -15.73
N LYS B 248 0.64 15.80 -15.55
CA LYS B 248 -0.69 15.36 -15.97
C LYS B 248 -0.67 14.97 -17.44
N GLY B 249 -1.13 13.76 -17.73
CA GLY B 249 -1.09 13.28 -19.10
C GLY B 249 0.29 12.92 -19.60
N SER B 250 1.22 12.64 -18.69
CA SER B 250 2.59 12.31 -19.09
C SER B 250 2.62 11.05 -19.96
N PRO B 251 3.40 11.04 -21.04
CA PRO B 251 3.53 9.83 -21.86
C PRO B 251 4.30 8.71 -21.16
N TRP B 252 5.02 9.01 -20.09
CA TRP B 252 5.87 8.02 -19.43
C TRP B 252 5.11 7.18 -18.42
N LYS B 253 3.92 7.62 -17.99
CA LYS B 253 3.24 6.98 -16.87
C LYS B 253 3.00 5.50 -17.12
N ARG B 254 2.49 5.16 -18.31
CA ARG B 254 2.14 3.75 -18.58
C ARG B 254 3.35 2.82 -18.42
N GLN B 255 4.46 3.16 -19.06
CA GLN B 255 5.60 2.25 -18.98
C GLN B 255 6.20 2.23 -17.58
N ILE B 256 6.21 3.38 -16.89
CA ILE B 256 6.66 3.41 -15.51
C ILE B 256 5.81 2.49 -14.65
N ASP B 257 4.48 2.62 -14.77
CA ASP B 257 3.54 1.74 -14.06
C ASP B 257 3.84 0.27 -14.30
N LEU B 258 3.91 -0.12 -15.57
CA LEU B 258 4.12 -1.52 -15.92
C LEU B 258 5.47 -2.01 -15.42
N ALA B 259 6.49 -1.15 -15.47
CA ALA B 259 7.81 -1.56 -14.98
C ALA B 259 7.80 -1.77 -13.46
N LEU B 260 7.15 -0.86 -12.73
CA LEU B 260 7.08 -1.04 -11.28
C LEU B 260 6.34 -2.33 -10.92
N LEU B 261 5.27 -2.63 -11.64
CA LEU B 261 4.52 -3.87 -11.37
C LEU B 261 5.35 -5.09 -11.78
N GLN B 262 6.14 -4.97 -12.84
CA GLN B 262 7.05 -6.07 -13.16
C GLN B 262 8.02 -6.33 -12.02
N PHE B 263 8.57 -5.26 -11.45
CA PHE B 263 9.46 -5.41 -10.31
C PHE B 263 8.78 -6.14 -9.17
N VAL B 264 7.50 -5.82 -8.92
CA VAL B 264 6.75 -6.55 -7.90
C VAL B 264 6.64 -8.01 -8.30
N GLY B 265 6.23 -8.26 -9.54
CA GLY B 265 5.94 -9.62 -9.95
C GLY B 265 7.15 -10.53 -9.93
N ASP B 266 8.35 -9.97 -10.12
CA ASP B 266 9.60 -10.71 -10.12
C ASP B 266 10.26 -10.76 -8.75
N GLY B 267 9.59 -10.30 -7.70
CA GLY B 267 10.15 -10.34 -6.36
C GLY B 267 11.20 -9.29 -6.07
N GLU B 268 11.47 -8.38 -7.00
CA GLU B 268 12.55 -7.42 -6.80
C GLU B 268 12.20 -6.33 -5.81
N MET B 269 10.92 -5.98 -5.68
CA MET B 269 10.57 -4.99 -4.69
C MET B 269 10.72 -5.55 -3.28
N GLU B 270 10.25 -6.78 -3.06
CA GLU B 270 10.53 -7.50 -1.82
C GLU B 270 12.02 -7.46 -1.47
N GLU B 271 12.87 -7.75 -2.45
CA GLU B 271 14.31 -7.75 -2.18
C GLU B 271 14.81 -6.35 -1.83
N LEU B 272 14.47 -5.34 -2.64
CA LEU B 272 14.84 -3.96 -2.31
C LEU B 272 14.36 -3.58 -0.91
N GLU B 273 13.14 -3.97 -0.55
CA GLU B 273 12.63 -3.68 0.79
C GLU B 273 13.52 -4.29 1.85
N THR B 274 13.95 -5.52 1.61
CA THR B 274 14.79 -6.18 2.60
C THR B 274 16.19 -5.58 2.63
N LEU B 275 16.67 -5.05 1.51
CA LEU B 275 18.05 -4.56 1.45
C LEU B 275 18.19 -3.20 2.14
N TRP B 276 17.16 -2.35 2.08
CA TRP B 276 17.28 -0.97 2.55
C TRP B 276 16.53 -0.69 3.84
N LEU B 277 15.44 -1.39 4.11
CA LEU B 277 14.48 -1.01 5.14
C LEU B 277 14.43 -2.00 6.30
N THR B 278 15.36 -2.94 6.39
CA THR B 278 15.34 -3.90 7.49
C THR B 278 15.86 -3.25 8.77
N GLY B 279 15.24 -3.58 9.89
CA GLY B 279 15.61 -3.03 11.19
C GLY B 279 16.14 -4.07 12.16
N ILE B 280 17.15 -3.66 12.95
CA ILE B 280 17.65 -4.51 14.04
C ILE B 280 16.54 -4.80 15.04
N CYS B 281 15.78 -3.78 15.42
CA CYS B 281 14.66 -3.98 16.35
C CYS B 281 13.52 -4.70 15.66
N QGM C . -6.85 -12.47 -5.15
CA QGM C . -6.52 -13.45 -6.21
C QGM C . -6.24 -12.82 -7.46
O QGM C . -6.06 -13.55 -8.47
CB QGM C . -5.37 -14.31 -5.68
CG QGM C . -5.78 -15.00 -4.32
CD1 QGM C . -6.44 -14.13 -3.41
ND2 QGM C . -6.72 -16.13 -4.47
OXT QGM C . -6.21 -11.56 -7.48
CAF QGM C . -7.24 -22.22 -5.99
CAG QGM C . -7.68 -21.87 -4.72
CAH QGM C . -6.88 -21.21 -6.89
CAI QGM C . -7.78 -20.53 -4.34
CAJ QGM C . -6.96 -19.86 -6.51
CAK QGM C . -7.27 -13.72 -1.14
CAL QGM C . -7.62 -12.12 -2.88
CAR QGM C . -6.45 -17.40 -4.88
CAS QGM C . -7.77 -12.52 -1.55
CAT QGM C . -7.39 -19.52 -5.23
CAU QGM C . -6.61 -14.51 -2.08
CAV QGM C . -6.98 -12.91 -3.82
NAN QGM C . -7.50 -18.25 -4.82
OAB QGM C . -5.34 -17.74 -5.31
CLD QGM C . -8.60 -11.55 -0.40
CLE QGM C . -6.02 -15.90 -1.53
N GLU D . 6.33 11.78 2.56
CA GLU D . 5.66 13.00 3.06
C GLU D . 5.17 13.83 1.88
O GLU D . 4.69 14.95 2.09
CB GLU D . 6.60 13.85 3.91
CG GLU D . 6.62 13.47 5.34
CD GLU D . 5.24 13.57 5.99
OE1 GLU D . 4.63 14.66 5.93
OE2 GLU D . 4.79 12.56 6.57
OXT GLU D . 5.27 13.39 0.74
#